data_8EX2
#
_entry.id   8EX2
#
_cell.length_a   92.169
_cell.length_b   57.423
_cell.length_c   60.523
_cell.angle_alpha   90.000
_cell.angle_beta   94.550
_cell.angle_gamma   90.000
#
_symmetry.space_group_name_H-M   'C 1 2 1'
#
loop_
_entity.id
_entity.type
_entity.pdbx_description
1 polymer 'Tyrosine-protein kinase JAK2'
2 non-polymer 3,5-diphenyl-2-(trifluoromethyl)-6~{H}-pyrazolo[1,5-a]pyrimidin-7-one
3 non-polymer GLYCEROL
4 water water
#
_entity_poly.entity_id   1
_entity_poly.type   'polypeptide(L)'
_entity_poly.pdbx_seq_one_letter_code
;VFHKIRNEDLIFNESLGQGTFTKIFKGVRREVGDYGQLHETEVLLKVLDKAHRNYSESFFEAASMMSKLSHKHLVLNYGV
CVCGDENILVQEFVKFGSLDTYLKKNKNCINILWKLEVAKQLAAAMHFLEENTLIHGNVCAKNILLIREEDRKTGNPPFI
KLSDPGISITVLPKDILQERIPWVPPECIENPKNLNLATDKWSFGTTLWEICSGGDKPLSALDSERKLQFYEDRHQLPAP
KAAELANLINNCMDYEPDHRPSFRAIIRDLNSLFTPDLVPRGSHHHHHH
;
_entity_poly.pdbx_strand_id   A
#
# COMPACT_ATOMS: atom_id res chain seq x y z
N VAL A 1 -14.46 -10.31 13.56
CA VAL A 1 -13.10 -10.68 13.96
C VAL A 1 -12.53 -9.69 14.98
N PHE A 2 -12.76 -8.40 14.74
CA PHE A 2 -11.89 -7.36 15.28
C PHE A 2 -11.92 -7.32 16.81
N HIS A 3 -10.73 -7.35 17.42
CA HIS A 3 -10.59 -7.02 18.82
C HIS A 3 -11.02 -5.57 19.04
N LYS A 4 -11.90 -5.37 20.01
CA LYS A 4 -12.34 -4.03 20.38
C LYS A 4 -11.36 -3.49 21.41
N ILE A 5 -10.81 -2.31 21.15
CA ILE A 5 -9.86 -1.68 22.06
C ILE A 5 -10.55 -0.47 22.69
N ARG A 6 -10.34 -0.29 23.99
CA ARG A 6 -10.98 0.81 24.71
C ARG A 6 -10.31 2.13 24.38
N ASN A 7 -11.14 3.15 24.14
CA ASN A 7 -10.61 4.50 23.94
C ASN A 7 -9.63 4.90 25.04
N GLU A 8 -9.93 4.53 26.29
CA GLU A 8 -9.07 4.98 27.37
C GLU A 8 -7.72 4.30 27.37
N ASP A 9 -7.57 3.17 26.66
CA ASP A 9 -6.27 2.52 26.52
C ASP A 9 -5.46 3.03 25.33
N LEU A 10 -5.94 4.04 24.62
CA LEU A 10 -5.27 4.58 23.45
C LEU A 10 -4.89 6.03 23.71
N ILE A 11 -3.62 6.37 23.51
CA ILE A 11 -3.15 7.76 23.52
C ILE A 11 -2.77 8.15 22.10
N PHE A 12 -3.29 9.29 21.62
CA PHE A 12 -2.93 9.81 20.31
C PHE A 12 -1.77 10.77 20.46
N ASN A 13 -0.67 10.55 19.72
CA ASN A 13 0.42 11.50 19.65
C ASN A 13 0.56 12.08 18.23
N GLU A 14 1.75 12.08 17.65
CA GLU A 14 1.99 13.00 16.54
C GLU A 14 1.19 12.61 15.29
N SER A 15 0.71 13.62 14.57
CA SER A 15 0.12 13.44 13.25
C SER A 15 1.20 13.03 12.25
N LEU A 16 0.94 11.96 11.48
CA LEU A 16 1.90 11.50 10.49
C LEU A 16 1.47 11.84 9.07
N GLY A 17 0.20 12.10 8.83
CA GLY A 17 -0.26 12.44 7.51
C GLY A 17 -1.73 12.09 7.38
N GLN A 18 -2.14 11.87 6.13
CA GLN A 18 -3.53 11.54 5.86
C GLN A 18 -3.64 10.56 4.71
N GLY A 19 -4.70 9.78 4.73
CA GLY A 19 -5.15 9.03 3.58
C GLY A 19 -6.47 9.55 3.06
N THR A 20 -7.12 8.72 2.27
CA THR A 20 -8.39 9.13 1.68
C THR A 20 -9.47 9.10 2.77
N PHE A 21 -9.93 10.31 3.13
CA PHE A 21 -10.95 10.50 4.17
C PHE A 21 -10.44 10.06 5.54
N THR A 22 -9.12 10.06 5.76
CA THR A 22 -8.58 9.64 7.04
C THR A 22 -7.40 10.52 7.47
N LYS A 23 -7.12 10.48 8.76
CA LYS A 23 -5.95 11.12 9.35
C LYS A 23 -5.16 10.05 10.09
N ILE A 24 -3.84 10.13 10.02
CA ILE A 24 -2.96 9.07 10.50
C ILE A 24 -2.10 9.63 11.63
N PHE A 25 -2.07 8.91 12.75
CA PHE A 25 -1.31 9.32 13.94
C PHE A 25 -0.44 8.19 14.47
N LYS A 26 0.68 8.57 15.10
CA LYS A 26 1.35 7.66 16.02
C LYS A 26 0.69 7.74 17.39
N GLY A 27 0.65 6.62 18.09
CA GLY A 27 0.04 6.61 19.40
C GLY A 27 0.60 5.49 20.25
N VAL A 28 -0.04 5.30 21.40
CA VAL A 28 0.38 4.30 22.37
C VAL A 28 -0.85 3.57 22.86
N ARG A 29 -0.78 2.23 22.90
CA ARG A 29 -1.86 1.40 23.41
C ARG A 29 -1.36 0.74 24.69
N ARG A 30 -2.14 0.93 25.77
CA ARG A 30 -1.88 0.27 27.03
C ARG A 30 -2.56 -1.09 26.97
N GLU A 31 -1.81 -2.16 27.21
CA GLU A 31 -2.44 -3.47 27.07
C GLU A 31 -1.84 -4.47 28.06
N VAL A 32 -2.60 -5.54 28.30
CA VAL A 32 -2.11 -6.71 29.00
C VAL A 32 -1.60 -7.67 27.93
N GLY A 33 -0.32 -7.95 27.95
CA GLY A 33 0.28 -8.86 27.01
C GLY A 33 0.38 -10.27 27.55
N ASP A 34 1.32 -11.00 27.00
CA ASP A 34 1.28 -12.47 27.02
C ASP A 34 1.11 -13.03 28.41
N TYR A 35 2.06 -12.76 29.29
CA TYR A 35 2.09 -13.42 30.59
C TYR A 35 1.43 -12.56 31.66
N GLY A 36 0.37 -11.86 31.28
CA GLY A 36 -0.23 -10.90 32.18
C GLY A 36 0.57 -9.63 32.35
N GLN A 37 1.58 -9.41 31.52
CA GLN A 37 2.49 -8.28 31.72
C GLN A 37 1.86 -7.06 31.07
N LEU A 38 1.87 -5.94 31.78
CA LEU A 38 1.35 -4.71 31.23
C LEU A 38 2.37 -4.09 30.27
N HIS A 39 1.88 -3.58 29.15
CA HIS A 39 2.74 -2.99 28.14
C HIS A 39 2.17 -1.67 27.64
N GLU A 40 3.07 -0.78 27.24
CA GLU A 40 2.72 0.44 26.50
C GLU A 40 3.33 0.26 25.12
N THR A 41 2.48 -0.02 24.13
CA THR A 41 2.91 -0.44 22.80
C THR A 41 2.71 0.70 21.80
N GLU A 42 3.74 0.98 21.00
CA GLU A 42 3.57 1.94 19.90
C GLU A 42 2.55 1.42 18.89
N VAL A 43 1.60 2.27 18.50
CA VAL A 43 0.63 1.86 17.51
C VAL A 43 0.48 2.93 16.44
N LEU A 44 0.07 2.48 15.26
CA LEU A 44 -0.32 3.33 14.15
C LEU A 44 -1.84 3.47 14.21
N LEU A 45 -2.34 4.70 14.22
CA LEU A 45 -3.76 4.94 14.40
C LEU A 45 -4.31 5.64 13.18
N LYS A 46 -5.38 5.08 12.62
CA LYS A 46 -6.02 5.65 11.43
C LYS A 46 -7.44 6.03 11.84
N VAL A 47 -7.80 7.29 11.63
CA VAL A 47 -9.07 7.84 12.07
C VAL A 47 -9.87 8.25 10.84
N LEU A 48 -11.02 7.62 10.65
CA LEU A 48 -11.90 8.03 9.57
C LEU A 48 -12.50 9.40 9.87
N ASP A 49 -12.36 10.31 8.93
CA ASP A 49 -12.93 11.66 9.09
C ASP A 49 -14.40 11.58 9.49
N LYS A 50 -14.75 12.33 10.53
CA LYS A 50 -16.14 12.41 10.99
C LYS A 50 -17.10 12.70 9.84
N ALA A 51 -16.73 13.66 9.00
CA ALA A 51 -17.60 14.03 7.88
C ALA A 51 -17.77 12.92 6.85
N HIS A 52 -17.00 11.84 6.94
CA HIS A 52 -17.11 10.74 5.99
C HIS A 52 -17.46 9.43 6.66
N ARG A 53 -18.08 9.51 7.85
CA ARG A 53 -18.37 8.31 8.61
C ARG A 53 -19.36 7.40 7.90
N ASN A 54 -19.97 7.87 6.82
CA ASN A 54 -20.81 6.99 6.02
C ASN A 54 -20.00 6.00 5.18
N TYR A 55 -18.67 6.13 5.16
CA TYR A 55 -17.81 5.14 4.53
C TYR A 55 -17.25 4.14 5.54
N SER A 56 -17.77 4.13 6.78
CA SER A 56 -17.12 3.36 7.84
C SER A 56 -17.07 1.89 7.48
N GLU A 57 -18.07 1.37 6.79
CA GLU A 57 -18.10 -0.06 6.48
C GLU A 57 -16.93 -0.44 5.59
N SER A 58 -16.69 0.35 4.54
CA SER A 58 -15.57 0.08 3.65
C SER A 58 -14.24 0.36 4.33
N PHE A 59 -14.20 1.35 5.21
CA PHE A 59 -12.99 1.67 5.96
C PHE A 59 -12.54 0.46 6.79
N PHE A 60 -13.49 -0.20 7.47
CA PHE A 60 -13.12 -1.33 8.32
C PHE A 60 -12.92 -2.61 7.51
N GLU A 61 -13.74 -2.82 6.49
CA GLU A 61 -13.58 -3.99 5.62
C GLU A 61 -12.18 -4.04 5.01
N ALA A 62 -11.60 -2.88 4.69
CA ALA A 62 -10.28 -2.88 4.09
C ALA A 62 -9.26 -3.53 5.02
N ALA A 63 -9.37 -3.25 6.32
CA ALA A 63 -8.46 -3.85 7.29
C ALA A 63 -8.86 -5.27 7.64
N SER A 64 -10.17 -5.58 7.64
CA SER A 64 -10.64 -6.90 8.07
C SER A 64 -10.15 -7.97 7.11
N MET A 65 -10.27 -7.69 5.82
CA MET A 65 -9.67 -8.50 4.77
C MET A 65 -8.25 -8.93 5.11
N MET A 66 -7.37 -7.95 5.36
CA MET A 66 -5.97 -8.27 5.63
C MET A 66 -5.83 -9.09 6.90
N SER A 67 -6.65 -8.79 7.90
CA SER A 67 -6.46 -9.35 9.24
C SER A 67 -6.87 -10.80 9.35
N LYS A 68 -7.62 -11.31 8.37
CA LYS A 68 -7.99 -12.72 8.33
C LYS A 68 -6.89 -13.56 7.69
N LEU A 69 -5.78 -12.96 7.25
CA LEU A 69 -4.57 -13.65 6.85
C LEU A 69 -3.41 -13.18 7.71
N SER A 70 -2.38 -14.02 7.81
CA SER A 70 -1.12 -13.68 8.46
C SER A 70 0.00 -13.95 7.49
N HIS A 71 0.94 -13.02 7.37
CA HIS A 71 2.08 -13.19 6.47
C HIS A 71 3.15 -12.19 6.88
N LYS A 72 4.40 -12.61 6.78
CA LYS A 72 5.48 -11.75 7.27
C LYS A 72 5.56 -10.41 6.55
N HIS A 73 5.01 -10.31 5.34
CA HIS A 73 5.05 -9.04 4.60
C HIS A 73 3.71 -8.29 4.68
N LEU A 74 2.79 -8.67 5.56
CA LEU A 74 1.55 -7.94 5.77
C LEU A 74 1.53 -7.31 7.16
N VAL A 75 1.09 -6.05 7.22
CA VAL A 75 1.00 -5.33 8.49
C VAL A 75 -0.01 -5.98 9.41
N LEU A 76 0.31 -6.03 10.70
CA LEU A 76 -0.59 -6.61 11.68
C LEU A 76 -1.65 -5.60 12.08
N ASN A 77 -2.88 -6.07 12.15
CA ASN A 77 -3.97 -5.30 12.74
C ASN A 77 -4.12 -5.69 14.20
N TYR A 78 -4.30 -4.69 15.06
CA TYR A 78 -4.50 -4.99 16.46
C TYR A 78 -5.96 -4.96 16.88
N GLY A 79 -6.76 -4.11 16.24
CA GLY A 79 -8.14 -3.97 16.65
C GLY A 79 -8.74 -2.67 16.15
N VAL A 80 -9.90 -2.36 16.70
CA VAL A 80 -10.62 -1.15 16.34
C VAL A 80 -11.06 -0.46 17.62
N CYS A 81 -11.38 0.82 17.48
CA CYS A 81 -12.00 1.58 18.54
C CYS A 81 -13.07 2.43 17.89
N VAL A 82 -14.32 2.25 18.30
CA VAL A 82 -15.46 3.03 17.78
C VAL A 82 -16.01 3.84 18.95
N CYS A 83 -15.55 5.08 19.06
CA CYS A 83 -15.94 5.99 20.13
C CYS A 83 -17.01 6.93 19.58
N GLY A 84 -18.27 6.50 19.66
CA GLY A 84 -19.35 7.31 19.18
C GLY A 84 -19.23 7.67 17.72
N ASP A 85 -18.74 8.88 17.44
CA ASP A 85 -18.57 9.34 16.07
C ASP A 85 -17.19 9.04 15.50
N GLU A 86 -16.30 8.43 16.29
CA GLU A 86 -14.94 8.14 15.85
C GLU A 86 -14.82 6.67 15.46
N ASN A 87 -14.31 6.43 14.27
CA ASN A 87 -14.03 5.09 13.76
C ASN A 87 -12.52 5.01 13.59
N ILE A 88 -11.88 4.14 14.36
CA ILE A 88 -10.43 4.14 14.53
C ILE A 88 -9.92 2.74 14.29
N LEU A 89 -8.95 2.60 13.42
CA LEU A 89 -8.19 1.37 13.23
C LEU A 89 -6.87 1.47 13.99
N VAL A 90 -6.52 0.38 14.68
CA VAL A 90 -5.30 0.28 15.47
C VAL A 90 -4.44 -0.82 14.86
N GLN A 91 -3.24 -0.44 14.42
CA GLN A 91 -2.37 -1.31 13.65
C GLN A 91 -0.93 -1.17 14.12
N GLU A 92 -0.11 -2.12 13.68
CA GLU A 92 1.31 -2.14 13.93
C GLU A 92 1.98 -0.87 13.46
N PHE A 93 2.86 -0.34 14.30
CA PHE A 93 3.68 0.82 13.95
C PHE A 93 5.00 0.35 13.34
N VAL A 94 5.26 0.76 12.11
CA VAL A 94 6.39 0.25 11.32
C VAL A 94 7.46 1.32 11.32
N LYS A 95 8.63 0.97 11.85
CA LYS A 95 9.56 1.98 12.37
C LYS A 95 9.92 3.08 11.36
N PHE A 96 10.24 2.73 10.12
CA PHE A 96 10.80 3.71 9.20
C PHE A 96 9.77 4.31 8.23
N GLY A 97 8.49 3.98 8.39
CA GLY A 97 7.40 4.58 7.68
C GLY A 97 7.36 4.24 6.20
N SER A 98 6.61 5.08 5.48
CA SER A 98 6.28 4.83 4.08
C SER A 98 7.49 4.76 3.18
N LEU A 99 7.40 3.84 2.22
CA LEU A 99 8.44 3.68 1.24
C LEU A 99 8.58 4.90 0.34
N ASP A 100 7.47 5.54 -0.05
CA ASP A 100 7.62 6.62 -1.02
C ASP A 100 8.45 7.76 -0.42
N THR A 101 8.18 8.13 0.83
CA THR A 101 8.97 9.20 1.42
C THR A 101 10.39 8.74 1.72
N TYR A 102 10.57 7.46 2.06
CA TYR A 102 11.91 6.96 2.29
C TYR A 102 12.73 6.95 1.01
N LEU A 103 12.11 6.59 -0.13
CA LEU A 103 12.85 6.57 -1.39
C LEU A 103 13.36 7.97 -1.75
N LYS A 104 12.56 8.99 -1.49
CA LYS A 104 12.93 10.35 -1.85
C LYS A 104 14.05 10.86 -0.95
N LYS A 105 13.93 10.63 0.35
CA LYS A 105 14.94 11.09 1.29
C LYS A 105 16.28 10.40 1.08
N ASN A 106 16.28 9.12 0.71
CA ASN A 106 17.53 8.37 0.59
C ASN A 106 17.87 8.01 -0.84
N LYS A 107 17.36 8.75 -1.83
CA LYS A 107 17.49 8.30 -3.21
C LYS A 107 18.94 8.19 -3.66
N ASN A 108 19.85 8.83 -2.94
CA ASN A 108 21.25 8.88 -3.34
C ASN A 108 22.06 7.72 -2.80
N CYS A 109 21.50 6.94 -1.89
CA CYS A 109 22.20 5.79 -1.33
C CYS A 109 21.39 4.50 -1.46
N ILE A 110 20.38 4.49 -2.33
CA ILE A 110 19.58 3.30 -2.60
C ILE A 110 19.96 2.82 -3.99
N ASN A 111 20.56 1.64 -4.09
CA ASN A 111 20.99 1.15 -5.39
C ASN A 111 20.03 0.08 -5.92
N ILE A 112 20.39 -0.48 -7.07
CA ILE A 112 19.46 -1.36 -7.79
C ILE A 112 19.23 -2.66 -7.04
N LEU A 113 20.19 -3.12 -6.24
CA LEU A 113 19.97 -4.35 -5.47
C LEU A 113 19.01 -4.12 -4.32
N TRP A 114 19.01 -2.93 -3.74
CA TRP A 114 18.00 -2.60 -2.74
C TRP A 114 16.60 -2.54 -3.38
N LYS A 115 16.49 -1.90 -4.53
CA LYS A 115 15.19 -1.86 -5.21
C LYS A 115 14.71 -3.23 -5.58
N LEU A 116 15.61 -4.07 -6.09
CA LEU A 116 15.24 -5.43 -6.47
C LEU A 116 14.77 -6.25 -5.29
N GLU A 117 15.47 -6.16 -4.15
CA GLU A 117 15.02 -6.87 -2.96
C GLU A 117 13.62 -6.43 -2.54
N VAL A 118 13.37 -5.12 -2.53
CA VAL A 118 12.07 -4.62 -2.12
C VAL A 118 11.00 -5.08 -3.10
N ALA A 119 11.30 -5.05 -4.42
CA ALA A 119 10.35 -5.49 -5.41
C ALA A 119 10.01 -6.97 -5.22
N LYS A 120 11.03 -7.77 -4.91
CA LYS A 120 10.81 -9.20 -4.66
C LYS A 120 9.93 -9.43 -3.44
N GLN A 121 10.14 -8.65 -2.37
CA GLN A 121 9.31 -8.81 -1.19
C GLN A 121 7.87 -8.42 -1.49
N LEU A 122 7.68 -7.28 -2.18
CA LEU A 122 6.33 -6.87 -2.54
C LEU A 122 5.66 -7.94 -3.40
N ALA A 123 6.39 -8.49 -4.38
CA ALA A 123 5.85 -9.56 -5.20
C ALA A 123 5.48 -10.80 -4.38
N ALA A 124 6.29 -11.12 -3.35
CA ALA A 124 5.94 -12.26 -2.50
C ALA A 124 4.64 -12.03 -1.77
N ALA A 125 4.45 -10.80 -1.26
CA ALA A 125 3.20 -10.48 -0.60
C ALA A 125 2.02 -10.60 -1.57
N MET A 126 2.19 -10.08 -2.78
CA MET A 126 1.10 -10.09 -3.75
C MET A 126 0.83 -11.51 -4.28
N HIS A 127 1.86 -12.33 -4.40
CA HIS A 127 1.62 -13.73 -4.73
C HIS A 127 0.79 -14.43 -3.64
N PHE A 128 1.11 -14.16 -2.37
CA PHE A 128 0.31 -14.68 -1.27
C PHE A 128 -1.14 -14.25 -1.39
N LEU A 129 -1.39 -12.98 -1.70
CA LEU A 129 -2.77 -12.53 -1.82
C LEU A 129 -3.46 -13.17 -3.03
N GLU A 130 -2.72 -13.30 -4.13
CA GLU A 130 -3.27 -13.90 -5.34
C GLU A 130 -3.64 -15.36 -5.09
N GLU A 131 -2.79 -16.11 -4.41
CA GLU A 131 -3.10 -17.50 -4.05
C GLU A 131 -4.34 -17.60 -3.18
N ASN A 132 -4.61 -16.58 -2.37
CA ASN A 132 -5.78 -16.54 -1.52
C ASN A 132 -6.97 -15.85 -2.17
N THR A 133 -6.89 -15.58 -3.48
CA THR A 133 -7.87 -14.81 -4.25
C THR A 133 -8.37 -13.59 -3.48
N LEU A 134 -7.42 -12.87 -2.89
CA LEU A 134 -7.74 -11.68 -2.13
C LEU A 134 -7.26 -10.44 -2.88
N ILE A 135 -8.19 -9.60 -3.30
CA ILE A 135 -7.82 -8.36 -3.97
C ILE A 135 -7.42 -7.30 -2.94
N HIS A 136 -6.28 -6.63 -3.19
CA HIS A 136 -5.84 -5.51 -2.36
C HIS A 136 -6.52 -4.22 -2.82
N GLY A 137 -6.20 -3.77 -4.03
CA GLY A 137 -6.94 -2.72 -4.69
C GLY A 137 -6.35 -1.34 -4.54
N ASN A 138 -5.31 -1.20 -3.72
CA ASN A 138 -4.61 0.08 -3.64
C ASN A 138 -3.13 -0.16 -3.36
N VAL A 139 -2.45 -0.90 -4.25
CA VAL A 139 -1.03 -1.12 -4.11
C VAL A 139 -0.31 0.13 -4.56
N CYS A 140 0.48 0.73 -3.67
CA CYS A 140 1.26 1.92 -3.99
C CYS A 140 2.37 2.07 -2.93
N ALA A 141 3.37 2.88 -3.26
CA ALA A 141 4.52 2.95 -2.35
C ALA A 141 4.16 3.62 -1.01
N LYS A 142 3.19 4.55 -1.02
CA LYS A 142 2.74 5.13 0.24
C LYS A 142 2.28 4.07 1.22
N ASN A 143 1.69 2.99 0.70
CA ASN A 143 1.08 1.94 1.50
C ASN A 143 2.06 0.81 1.80
N ILE A 144 3.33 0.96 1.43
CA ILE A 144 4.38 0.01 1.80
C ILE A 144 5.23 0.64 2.90
N LEU A 145 5.48 -0.09 3.96
CA LEU A 145 6.19 0.45 5.12
C LEU A 145 7.50 -0.29 5.35
N LEU A 146 8.54 0.45 5.70
CA LEU A 146 9.86 -0.12 5.91
C LEU A 146 10.04 -0.38 7.40
N ILE A 147 10.08 -1.67 7.77
CA ILE A 147 10.32 -2.02 9.16
C ILE A 147 11.80 -2.10 9.50
N ARG A 148 12.65 -2.40 8.52
CA ARG A 148 14.10 -2.52 8.75
C ARG A 148 14.88 -1.98 7.57
N GLU A 149 15.90 -1.18 7.86
CA GLU A 149 16.79 -0.69 6.80
C GLU A 149 17.81 -1.75 6.44
N GLU A 150 18.37 -1.63 5.24
CA GLU A 150 19.49 -2.46 4.83
C GLU A 150 20.67 -2.22 5.77
N ASP A 151 21.39 -3.28 6.10
CA ASP A 151 22.60 -3.16 6.90
C ASP A 151 23.73 -3.68 6.03
N ARG A 152 24.43 -2.77 5.35
CA ARG A 152 25.57 -3.15 4.51
C ARG A 152 26.54 -4.05 5.28
N LYS A 153 26.93 -3.61 6.48
CA LYS A 153 28.01 -4.27 7.21
C LYS A 153 27.68 -5.71 7.59
N THR A 154 26.39 -6.10 7.57
CA THR A 154 26.02 -7.48 7.86
C THR A 154 25.25 -8.13 6.71
N GLY A 155 25.16 -7.49 5.55
CA GLY A 155 24.42 -8.03 4.44
C GLY A 155 22.92 -8.21 4.69
N ASN A 156 22.39 -7.59 5.75
CA ASN A 156 20.96 -7.70 6.03
C ASN A 156 20.16 -6.89 5.00
N PRO A 157 19.16 -7.46 4.35
CA PRO A 157 18.37 -6.66 3.40
C PRO A 157 17.40 -5.73 4.10
N PRO A 158 16.90 -4.70 3.41
CA PRO A 158 15.71 -4.00 3.92
C PRO A 158 14.58 -5.00 4.03
N PHE A 159 13.57 -4.67 4.86
CA PHE A 159 12.40 -5.52 5.03
C PHE A 159 11.13 -4.65 5.01
N ILE A 160 10.16 -5.00 4.16
CA ILE A 160 8.97 -4.17 4.01
C ILE A 160 7.73 -4.95 4.43
N LYS A 161 6.67 -4.18 4.74
CA LYS A 161 5.33 -4.72 4.92
C LYS A 161 4.32 -3.87 4.15
N LEU A 162 3.28 -4.52 3.66
CA LEU A 162 2.19 -3.85 2.96
C LEU A 162 1.00 -3.60 3.88
N SER A 163 0.51 -2.37 3.90
CA SER A 163 -0.61 -1.96 4.73
C SER A 163 -1.91 -2.16 3.97
N ASP A 164 -3.05 -1.96 4.65
CA ASP A 164 -4.34 -2.20 4.03
C ASP A 164 -4.70 -1.10 3.02
N PRO A 165 -5.61 -1.42 2.09
CA PRO A 165 -5.88 -0.51 0.99
C PRO A 165 -6.71 0.72 1.33
N GLY A 166 -7.31 0.81 2.51
CA GLY A 166 -8.27 1.89 2.78
C GLY A 166 -9.61 1.67 2.09
N ILE A 167 -10.45 2.70 2.10
CA ILE A 167 -11.77 2.62 1.49
C ILE A 167 -11.63 2.21 0.02
N SER A 168 -12.49 1.29 -0.41
CA SER A 168 -12.34 0.68 -1.72
C SER A 168 -12.66 1.63 -2.87
N ILE A 169 -11.92 1.48 -3.97
CA ILE A 169 -12.24 2.26 -5.14
C ILE A 169 -13.59 1.89 -5.73
N THR A 170 -14.20 0.78 -5.26
CA THR A 170 -15.56 0.46 -5.68
C THR A 170 -16.59 1.41 -5.07
N VAL A 171 -16.24 2.17 -4.03
CA VAL A 171 -17.19 3.10 -3.43
C VAL A 171 -16.73 4.55 -3.47
N LEU A 172 -15.52 4.83 -3.90
CA LEU A 172 -15.02 6.18 -3.82
C LEU A 172 -15.58 7.05 -4.96
N PRO A 173 -15.66 8.36 -4.75
CA PRO A 173 -16.07 9.26 -5.83
C PRO A 173 -15.16 9.10 -7.05
N LYS A 174 -15.75 9.20 -8.23
CA LYS A 174 -14.99 9.04 -9.47
C LYS A 174 -13.84 10.04 -9.56
N ASP A 175 -14.00 11.25 -9.01
CA ASP A 175 -12.92 12.21 -9.10
C ASP A 175 -11.68 11.75 -8.32
N ILE A 176 -11.86 10.99 -7.25
CA ILE A 176 -10.68 10.50 -6.53
C ILE A 176 -9.97 9.39 -7.32
N LEU A 177 -10.74 8.50 -7.95
CA LEU A 177 -10.10 7.47 -8.76
C LEU A 177 -9.30 8.07 -9.90
N GLN A 178 -9.76 9.19 -10.46
CA GLN A 178 -9.02 9.82 -11.54
C GLN A 178 -7.71 10.41 -11.06
N GLU A 179 -7.72 11.06 -9.90
CA GLU A 179 -6.47 11.53 -9.31
C GLU A 179 -5.49 10.39 -9.04
N ARG A 180 -6.00 9.18 -8.84
CA ARG A 180 -5.18 8.01 -8.56
C ARG A 180 -4.70 7.28 -9.81
N ILE A 181 -5.00 7.80 -11.00
CA ILE A 181 -4.28 7.37 -12.20
C ILE A 181 -2.82 7.76 -12.05
N PRO A 182 -1.86 6.90 -12.35
CA PRO A 182 -1.97 5.60 -12.98
C PRO A 182 -1.81 4.38 -12.06
N TRP A 183 -2.13 4.50 -10.77
CA TRP A 183 -2.21 3.31 -9.94
C TRP A 183 -3.53 2.60 -10.17
N VAL A 184 -4.61 3.35 -10.29
CA VAL A 184 -5.90 2.75 -10.66
C VAL A 184 -5.86 2.36 -12.14
N PRO A 185 -6.19 1.11 -12.47
CA PRO A 185 -6.01 0.66 -13.85
C PRO A 185 -7.10 1.17 -14.77
N PRO A 186 -6.87 1.12 -16.08
CA PRO A 186 -7.84 1.75 -17.01
C PRO A 186 -9.21 1.11 -16.96
N GLU A 187 -9.32 -0.18 -16.68
CA GLU A 187 -10.64 -0.83 -16.65
C GLU A 187 -11.47 -0.39 -15.46
N CYS A 188 -10.82 0.07 -14.36
CA CYS A 188 -11.53 0.51 -13.18
C CYS A 188 -11.94 1.96 -13.29
N ILE A 189 -11.22 2.73 -14.09
CA ILE A 189 -11.72 4.04 -14.53
C ILE A 189 -12.97 3.86 -15.36
N GLU A 190 -12.98 2.89 -16.28
CA GLU A 190 -14.17 2.65 -17.10
C GLU A 190 -15.35 2.29 -16.22
N ASN A 191 -15.13 1.41 -15.28
CA ASN A 191 -16.15 0.89 -14.38
C ASN A 191 -15.48 0.39 -13.10
N PRO A 192 -15.70 1.05 -11.96
CA PRO A 192 -15.04 0.59 -10.73
C PRO A 192 -15.43 -0.81 -10.32
N LYS A 193 -16.57 -1.33 -10.78
CA LYS A 193 -16.88 -2.74 -10.56
C LYS A 193 -15.94 -3.69 -11.30
N ASN A 194 -15.05 -3.20 -12.15
CA ASN A 194 -14.10 -4.08 -12.81
C ASN A 194 -12.96 -4.51 -11.87
N LEU A 195 -12.99 -4.09 -10.61
CA LEU A 195 -11.94 -4.46 -9.66
C LEU A 195 -11.79 -5.97 -9.60
N ASN A 196 -10.57 -6.46 -9.82
CA ASN A 196 -10.31 -7.90 -9.96
C ASN A 196 -8.87 -8.12 -9.52
N LEU A 197 -8.44 -9.38 -9.48
CA LEU A 197 -7.05 -9.61 -9.17
C LEU A 197 -6.11 -8.94 -10.16
N ALA A 198 -6.53 -8.84 -11.43
CA ALA A 198 -5.67 -8.21 -12.42
C ALA A 198 -5.41 -6.75 -12.09
N THR A 199 -6.28 -6.12 -11.29
CA THR A 199 -6.03 -4.75 -10.83
C THR A 199 -4.67 -4.64 -10.17
N ASP A 200 -4.36 -5.60 -9.29
CA ASP A 200 -3.16 -5.50 -8.46
C ASP A 200 -1.90 -5.70 -9.27
N LYS A 201 -1.97 -6.44 -10.39
CA LYS A 201 -0.82 -6.52 -11.27
C LYS A 201 -0.48 -5.17 -11.91
N TRP A 202 -1.49 -4.45 -12.38
CA TRP A 202 -1.26 -3.10 -12.92
C TRP A 202 -0.64 -2.19 -11.86
N SER A 203 -1.28 -2.11 -10.70
CA SER A 203 -0.79 -1.25 -9.62
C SER A 203 0.60 -1.66 -9.14
N PHE A 204 0.89 -2.95 -9.14
CA PHE A 204 2.25 -3.39 -8.80
C PHE A 204 3.26 -2.81 -9.77
N GLY A 205 2.89 -2.75 -11.05
CA GLY A 205 3.77 -2.12 -12.02
C GLY A 205 3.99 -0.64 -11.75
N THR A 206 2.91 0.09 -11.44
CA THR A 206 3.07 1.51 -11.07
C THR A 206 3.96 1.67 -9.84
N THR A 207 3.79 0.77 -8.86
CA THR A 207 4.59 0.82 -7.64
C THR A 207 6.07 0.54 -7.92
N LEU A 208 6.38 -0.43 -8.81
CA LEU A 208 7.77 -0.64 -9.19
C LEU A 208 8.37 0.62 -9.84
N TRP A 209 7.56 1.30 -10.64
CA TRP A 209 8.02 2.56 -11.22
C TRP A 209 8.40 3.54 -10.12
N GLU A 210 7.55 3.65 -9.09
CA GLU A 210 7.90 4.51 -7.96
C GLU A 210 9.22 4.07 -7.33
N ILE A 211 9.34 2.76 -7.06
CA ILE A 211 10.53 2.25 -6.37
C ILE A 211 11.78 2.56 -7.18
N CYS A 212 11.67 2.58 -8.49
CA CYS A 212 12.76 2.84 -9.41
C CYS A 212 12.99 4.32 -9.69
N SER A 213 12.09 5.19 -9.27
CA SER A 213 12.16 6.61 -9.61
C SER A 213 12.40 7.48 -8.40
N GLY A 214 12.99 6.92 -7.35
CA GLY A 214 13.43 7.75 -6.25
C GLY A 214 12.33 8.48 -5.54
N GLY A 215 11.12 7.92 -5.52
CA GLY A 215 10.01 8.59 -4.87
C GLY A 215 9.23 9.57 -5.72
N ASP A 216 9.57 9.74 -7.00
CA ASP A 216 8.74 10.55 -7.88
C ASP A 216 7.36 9.91 -7.97
N LYS A 217 6.38 10.72 -8.31
CA LYS A 217 5.03 10.23 -8.53
C LYS A 217 4.76 10.24 -10.02
N PRO A 218 4.38 9.10 -10.62
CA PRO A 218 4.17 9.09 -12.07
C PRO A 218 2.99 9.95 -12.49
N LEU A 219 3.20 10.68 -13.58
CA LEU A 219 2.23 11.57 -14.17
C LEU A 219 1.81 12.70 -13.23
N SER A 220 2.61 13.02 -12.22
CA SER A 220 2.17 14.05 -11.26
C SER A 220 1.94 15.40 -11.96
N ALA A 221 2.62 15.63 -13.07
CA ALA A 221 2.52 16.88 -13.81
C ALA A 221 1.19 17.00 -14.53
N LEU A 222 0.42 15.93 -14.62
CA LEU A 222 -0.83 15.94 -15.36
C LEU A 222 -2.01 16.10 -14.42
N ASP A 223 -2.89 17.06 -14.72
CA ASP A 223 -4.16 17.18 -14.02
C ASP A 223 -5.07 16.00 -14.39
N SER A 224 -6.19 15.90 -13.68
CA SER A 224 -7.04 14.70 -13.81
C SER A 224 -7.53 14.49 -15.23
N GLU A 225 -7.85 15.58 -15.95
CA GLU A 225 -8.37 15.42 -17.30
C GLU A 225 -7.28 14.87 -18.22
N ARG A 226 -6.04 15.34 -18.07
CA ARG A 226 -4.98 14.79 -18.87
C ARG A 226 -4.62 13.36 -18.46
N LYS A 227 -4.81 13.03 -17.18
CA LYS A 227 -4.60 11.64 -16.75
C LYS A 227 -5.60 10.71 -17.43
N LEU A 228 -6.87 11.12 -17.46
CA LEU A 228 -7.89 10.34 -18.17
C LEU A 228 -7.53 10.17 -19.63
N GLN A 229 -7.06 11.23 -20.28
CA GLN A 229 -6.71 11.17 -21.69
C GLN A 229 -5.45 10.35 -21.91
N PHE A 230 -4.54 10.30 -20.92
CA PHE A 230 -3.40 9.40 -20.97
C PHE A 230 -3.86 7.95 -21.15
N TYR A 231 -4.89 7.53 -20.40
CA TYR A 231 -5.46 6.20 -20.58
C TYR A 231 -6.19 6.06 -21.93
N GLU A 232 -6.92 7.09 -22.34
CA GLU A 232 -7.63 7.02 -23.62
C GLU A 232 -6.67 6.84 -24.79
N ASP A 233 -5.52 7.47 -24.74
CA ASP A 233 -4.53 7.33 -25.79
C ASP A 233 -3.64 6.11 -25.59
N ARG A 234 -3.82 5.36 -24.49
CA ARG A 234 -3.13 4.08 -24.27
C ARG A 234 -1.62 4.27 -24.15
N HIS A 235 -1.21 5.35 -23.51
CA HIS A 235 0.19 5.56 -23.25
C HIS A 235 0.67 4.65 -22.12
N GLN A 236 1.98 4.52 -22.04
CA GLN A 236 2.66 3.81 -20.98
C GLN A 236 3.56 4.80 -20.25
N LEU A 237 4.03 4.41 -19.06
CA LEU A 237 4.91 5.28 -18.31
C LEU A 237 6.28 5.35 -18.97
N PRO A 238 6.99 6.45 -18.80
CA PRO A 238 8.37 6.50 -19.30
C PRO A 238 9.23 5.54 -18.51
N ALA A 239 10.26 4.99 -19.16
CA ALA A 239 11.20 4.12 -18.46
C ALA A 239 11.80 4.91 -17.30
N PRO A 240 11.90 4.34 -16.10
CA PRO A 240 12.72 5.00 -15.08
C PRO A 240 14.17 5.10 -15.55
N LYS A 241 14.81 6.23 -15.21
CA LYS A 241 16.18 6.41 -15.67
C LYS A 241 17.06 5.26 -15.19
N ALA A 242 16.80 4.74 -13.99
CA ALA A 242 17.28 3.42 -13.57
C ALA A 242 16.35 2.36 -14.18
N ALA A 243 16.69 1.88 -15.37
CA ALA A 243 15.72 1.22 -16.24
C ALA A 243 15.72 -0.30 -16.13
N GLU A 244 16.42 -0.85 -15.15
CA GLU A 244 16.53 -2.29 -15.04
C GLU A 244 15.16 -2.99 -15.01
N LEU A 245 14.17 -2.37 -14.36
CA LEU A 245 12.85 -3.00 -14.22
C LEU A 245 11.83 -2.49 -15.23
N ALA A 246 12.25 -1.71 -16.23
CA ALA A 246 11.29 -1.05 -17.11
C ALA A 246 10.43 -2.05 -17.85
N ASN A 247 11.04 -3.15 -18.32
CA ASN A 247 10.28 -4.12 -19.09
C ASN A 247 9.23 -4.78 -18.21
N LEU A 248 9.59 -5.10 -16.96
CA LEU A 248 8.63 -5.69 -16.04
C LEU A 248 7.49 -4.73 -15.75
N ILE A 249 7.81 -3.44 -15.54
CA ILE A 249 6.75 -2.44 -15.32
C ILE A 249 5.79 -2.44 -16.49
N ASN A 250 6.32 -2.37 -17.69
CA ASN A 250 5.43 -2.30 -18.84
C ASN A 250 4.65 -3.57 -19.04
N ASN A 251 5.22 -4.72 -18.70
CA ASN A 251 4.47 -5.97 -18.84
C ASN A 251 3.33 -6.03 -17.85
N CYS A 252 3.52 -5.48 -16.64
CA CYS A 252 2.47 -5.50 -15.64
C CYS A 252 1.37 -4.50 -15.99
N MET A 253 1.76 -3.34 -16.51
CA MET A 253 0.82 -2.29 -16.85
C MET A 253 0.29 -2.52 -18.25
N ASP A 254 -0.27 -3.71 -18.46
CA ASP A 254 -0.85 -4.09 -19.76
C ASP A 254 -2.30 -3.64 -19.82
N TYR A 255 -2.66 -2.89 -20.87
CA TYR A 255 -4.03 -2.43 -20.99
C TYR A 255 -5.03 -3.58 -21.11
N GLU A 256 -4.60 -4.76 -21.52
CA GLU A 256 -5.49 -5.91 -21.47
C GLU A 256 -5.33 -6.63 -20.12
N PRO A 257 -6.31 -6.59 -19.23
CA PRO A 257 -6.11 -7.21 -17.92
C PRO A 257 -5.75 -8.69 -17.97
N ASP A 258 -6.35 -9.45 -18.89
CA ASP A 258 -6.08 -10.89 -18.92
C ASP A 258 -4.66 -11.21 -19.39
N HIS A 259 -3.94 -10.25 -19.92
CA HIS A 259 -2.58 -10.50 -20.36
C HIS A 259 -1.54 -10.20 -19.28
N ARG A 260 -1.95 -9.61 -18.16
CA ARG A 260 -0.97 -9.26 -17.15
C ARG A 260 -0.42 -10.55 -16.54
N PRO A 261 0.88 -10.60 -16.23
CA PRO A 261 1.48 -11.87 -15.79
C PRO A 261 1.07 -12.24 -14.38
N SER A 262 1.05 -13.55 -14.11
CA SER A 262 0.84 -14.02 -12.75
C SER A 262 1.94 -13.49 -11.85
N PHE A 263 1.66 -13.40 -10.56
CA PHE A 263 2.76 -13.05 -9.65
C PHE A 263 3.84 -14.14 -9.61
N ARG A 264 3.48 -15.40 -9.84
CA ARG A 264 4.52 -16.40 -9.99
C ARG A 264 5.46 -16.06 -11.14
N ALA A 265 4.91 -15.69 -12.30
CA ALA A 265 5.75 -15.30 -13.42
C ALA A 265 6.55 -14.05 -13.11
N ILE A 266 5.94 -13.09 -12.40
CA ILE A 266 6.63 -11.87 -12.02
C ILE A 266 7.83 -12.20 -11.14
N ILE A 267 7.63 -13.07 -10.15
CA ILE A 267 8.75 -13.44 -9.28
C ILE A 267 9.84 -14.13 -10.08
N ARG A 268 9.46 -15.02 -11.01
CA ARG A 268 10.47 -15.65 -11.88
C ARG A 268 11.28 -14.61 -12.65
N ASP A 269 10.61 -13.58 -13.18
CA ASP A 269 11.32 -12.52 -13.90
C ASP A 269 12.25 -11.75 -12.98
N LEU A 270 11.79 -11.45 -11.76
CA LEU A 270 12.66 -10.71 -10.84
C LEU A 270 13.89 -11.52 -10.45
N ASN A 271 13.71 -12.82 -10.20
CA ASN A 271 14.83 -13.66 -9.78
C ASN A 271 15.85 -13.88 -10.88
N SER A 272 15.52 -13.55 -12.11
CA SER A 272 16.49 -13.59 -13.21
C SER A 272 17.10 -12.22 -13.44
N LEU A 273 17.68 -11.64 -12.40
CA LEU A 273 18.31 -10.32 -12.48
C LEU A 273 19.50 -10.23 -11.52
#